data_8QS4
#
_entry.id   8QS4
#
_cell.length_a   62.300
_cell.length_b   149.224
_cell.length_c   76.442
_cell.angle_alpha   90.00
_cell.angle_beta   90.00
_cell.angle_gamma   90.00
#
_symmetry.space_group_name_H-M   'C 2 2 2'
#
loop_
_entity.id
_entity.type
_entity.pdbx_description
1 polymer '14-3-3 protein sigma'
2 polymer 'C-RAF peptide pS259'
3 non-polymer 'CHLORIDE ION'
4 non-polymer 'MAGNESIUM ION'
5 non-polymer ~{N}-[[1-(4-bromophenyl)sulfonylpiperidin-4-yl]methyl]-2-chloranyl-ethanamide
6 water water
#
loop_
_entity_poly.entity_id
_entity_poly.type
_entity_poly.pdbx_seq_one_letter_code
_entity_poly.pdbx_strand_id
1 'polypeptide(L)'
;GAMGSMERASLIQKAKLAEQAERYEDMAAFMKGAVEKGEELSCEERNLLSVAYKNVVGGQRAAWRVLSSIEQKSNEEGSE
EKGPEVREYREKVETELQGVCDTVLGLLDSHLIKEAGDAESRVFYLKMKGDYYRYLAEVATGDDKKRIIDSARSAYQEAM
DISKKEMPPTNPIRLGLALNFSVFHYEIANSPEEAISLAKTTFDEAMADLHTLSEDSYKDSTLIMQLLRDNLTLWT
;
A
2 'polypeptide(L)' QRST(SEP)TPNVH P
#
loop_
_chem_comp.id
_chem_comp.type
_chem_comp.name
_chem_comp.formula
CL non-polymer 'CHLORIDE ION' 'Cl -1'
MG non-polymer 'MAGNESIUM ION' 'Mg 2'
WPN non-polymer ~{N}-[[1-(4-bromophenyl)sulfonylpiperidin-4-yl]methyl]-2-chloranyl-ethanamide 'C14 H18 Br Cl N2 O3 S'
#
# COMPACT_ATOMS: atom_id res chain seq x y z
N GLY A 1 -13.70 16.07 13.04
CA GLY A 1 -14.01 14.65 12.86
C GLY A 1 -14.60 14.01 14.09
N ALA A 2 -15.04 12.76 13.96
CA ALA A 2 -15.66 12.04 15.06
C ALA A 2 -14.68 11.73 16.18
N MET A 3 -13.38 11.73 15.89
CA MET A 3 -12.35 11.48 16.90
C MET A 3 -11.78 12.75 17.50
N GLY A 4 -12.36 13.91 17.17
CA GLY A 4 -11.72 15.18 17.51
C GLY A 4 -11.56 15.40 19.00
N SER A 5 -12.47 14.86 19.82
CA SER A 5 -12.43 15.12 21.26
C SER A 5 -11.55 14.12 22.03
N MET A 6 -11.02 13.11 21.37
CA MET A 6 -10.27 12.07 22.07
C MET A 6 -8.78 12.36 22.03
N GLU A 7 -8.12 12.09 23.14
CA GLU A 7 -6.68 12.31 23.24
C GLU A 7 -5.93 11.39 22.30
N ARG A 8 -4.91 11.95 21.63
CA ARG A 8 -4.06 11.19 20.72
C ARG A 8 -3.61 9.85 21.31
N ALA A 9 -3.17 9.84 22.56
CA ALA A 9 -2.67 8.58 23.12
C ALA A 9 -3.78 7.55 23.28
N SER A 10 -4.99 8.01 23.58
CA SER A 10 -6.14 7.12 23.67
C SER A 10 -6.52 6.60 22.29
N LEU A 11 -6.40 7.44 21.27
CA LEU A 11 -6.64 6.98 19.90
C LEU A 11 -5.68 5.84 19.54
N ILE A 12 -4.39 6.02 19.83
CA ILE A 12 -3.40 4.98 19.52
C ILE A 12 -3.72 3.70 20.29
N GLN A 13 -4.01 3.86 21.59
CA GLN A 13 -4.36 2.74 22.45
C GLN A 13 -5.55 1.97 21.90
N LYS A 14 -6.56 2.70 21.40
CA LYS A 14 -7.75 2.02 20.89
C LYS A 14 -7.52 1.41 19.52
N ALA A 15 -6.67 2.01 18.69
CA ALA A 15 -6.30 1.35 17.44
C ALA A 15 -5.68 -0.02 17.71
N LYS A 16 -4.88 -0.14 18.78
CA LYS A 16 -4.25 -1.42 19.10
C LYS A 16 -5.25 -2.41 19.67
N LEU A 17 -6.22 -1.93 20.45
CA LEU A 17 -7.32 -2.81 20.87
C LEU A 17 -8.13 -3.27 19.66
N ALA A 18 -8.42 -2.34 18.73
CA ALA A 18 -9.21 -2.71 17.56
C ALA A 18 -8.47 -3.72 16.70
N GLU A 19 -7.14 -3.59 16.59
CA GLU A 19 -6.36 -4.60 15.87
C GLU A 19 -6.50 -5.96 16.53
N GLN A 20 -6.32 -6.01 17.85
CA GLN A 20 -6.49 -7.27 18.57
C GLN A 20 -7.89 -7.83 18.38
N ALA A 21 -8.90 -6.97 18.26
CA ALA A 21 -10.27 -7.42 18.07
C ALA A 21 -10.61 -7.72 16.62
N GLU A 22 -9.67 -7.50 15.69
CA GLU A 22 -9.91 -7.60 14.25
C GLU A 22 -11.06 -6.70 13.80
N ARG A 23 -11.15 -5.52 14.41
CA ARG A 23 -12.12 -4.49 14.02
C ARG A 23 -11.37 -3.43 13.21
N TYR A 24 -11.17 -3.70 11.92
CA TYR A 24 -10.19 -2.91 11.18
C TYR A 24 -10.75 -1.60 10.69
N GLU A 25 -12.07 -1.51 10.46
CA GLU A 25 -12.64 -0.18 10.20
C GLU A 25 -12.47 0.73 11.40
N ASP A 26 -12.87 0.26 12.60
CA ASP A 26 -12.62 1.03 13.81
C ASP A 26 -11.15 1.42 13.88
N MET A 27 -10.27 0.43 13.74
CA MET A 27 -8.83 0.69 13.83
C MET A 27 -8.41 1.77 12.86
N ALA A 28 -8.93 1.73 11.63
CA ALA A 28 -8.61 2.78 10.68
C ALA A 28 -9.16 4.13 11.13
N ALA A 29 -10.39 4.16 11.68
CA ALA A 29 -10.95 5.42 12.15
C ALA A 29 -10.10 6.02 13.28
N PHE A 30 -9.67 5.19 14.21
CA PHE A 30 -8.84 5.64 15.33
C PHE A 30 -7.52 6.22 14.83
N MET A 31 -6.92 5.56 13.84
CA MET A 31 -5.61 5.99 13.33
C MET A 31 -5.76 7.29 12.52
N LYS A 32 -6.85 7.42 11.74
CA LYS A 32 -7.18 8.70 11.10
C LYS A 32 -7.27 9.83 12.13
N GLY A 33 -7.98 9.60 13.23
CA GLY A 33 -8.05 10.60 14.29
C GLY A 33 -6.67 10.93 14.84
N ALA A 34 -5.86 9.91 15.08
CA ALA A 34 -4.48 10.15 15.51
C ALA A 34 -3.75 11.03 14.53
N VAL A 35 -3.84 10.71 13.22
CA VAL A 35 -3.10 11.47 12.23
C VAL A 35 -3.55 12.92 12.24
N GLU A 36 -4.85 13.14 12.45
CA GLU A 36 -5.41 14.47 12.37
C GLU A 36 -5.00 15.34 13.55
N LYS A 37 -4.37 14.77 14.58
CA LYS A 37 -3.82 15.62 15.61
C LYS A 37 -2.62 16.45 15.10
N GLY A 38 -2.08 16.14 13.92
CA GLY A 38 -1.06 16.97 13.32
C GLY A 38 0.36 16.65 13.71
N GLU A 39 0.61 15.62 14.50
CA GLU A 39 1.98 15.24 14.86
C GLU A 39 2.45 14.08 14.01
N GLU A 40 3.78 13.97 13.87
CA GLU A 40 4.32 12.88 13.08
C GLU A 40 4.06 11.54 13.76
N LEU A 41 4.04 10.49 12.95
CA LEU A 41 3.79 9.14 13.42
C LEU A 41 5.13 8.40 13.58
N SER A 42 5.24 7.65 14.67
CA SER A 42 6.35 6.74 14.89
C SER A 42 6.23 5.53 13.96
N CYS A 43 7.31 4.73 13.91
CA CYS A 43 7.30 3.50 13.11
C CYS A 43 6.16 2.57 13.53
N GLU A 44 5.98 2.37 14.84
CA GLU A 44 4.88 1.52 15.28
C GLU A 44 3.53 2.06 14.84
N GLU A 45 3.34 3.39 14.90
CA GLU A 45 2.06 3.99 14.54
C GLU A 45 1.85 3.91 13.03
N ARG A 46 2.92 4.07 12.25
CA ARG A 46 2.79 3.92 10.80
C ARG A 46 2.36 2.50 10.44
N ASN A 47 2.82 1.52 11.20
CA ASN A 47 2.36 0.15 10.99
C ASN A 47 0.87 0.00 11.27
N LEU A 48 0.39 0.58 12.38
CA LEU A 48 -1.03 0.54 12.68
C LEU A 48 -1.83 1.16 11.55
N LEU A 49 -1.42 2.34 11.10
CA LEU A 49 -2.14 3.01 10.02
C LEU A 49 -2.17 2.14 8.78
N SER A 50 -1.01 1.58 8.41
CA SER A 50 -0.90 0.73 7.24
C SER A 50 -1.76 -0.52 7.38
N VAL A 51 -1.67 -1.20 8.53
CA VAL A 51 -2.38 -2.46 8.71
C VAL A 51 -3.90 -2.23 8.64
N ALA A 52 -4.37 -1.14 9.25
CA ALA A 52 -5.80 -0.86 9.33
C ALA A 52 -6.37 -0.63 7.94
N TYR A 53 -5.82 0.33 7.21
CA TYR A 53 -6.39 0.68 5.90
C TYR A 53 -6.19 -0.43 4.87
N LYS A 54 -5.03 -1.09 4.88
CA LYS A 54 -4.85 -2.22 3.96
C LYS A 54 -5.89 -3.31 4.18
N ASN A 55 -6.23 -3.60 5.44
CA ASN A 55 -7.26 -4.60 5.72
C ASN A 55 -8.62 -4.14 5.19
N VAL A 56 -8.96 -2.87 5.38
CA VAL A 56 -10.24 -2.37 4.90
C VAL A 56 -10.30 -2.47 3.39
N VAL A 57 -9.33 -1.86 2.71
CA VAL A 57 -9.35 -1.82 1.25
C VAL A 57 -9.14 -3.22 0.67
N GLY A 58 -8.41 -4.09 1.37
CA GLY A 58 -8.24 -5.46 0.88
C GLY A 58 -9.55 -6.21 0.76
N GLY A 59 -10.42 -6.09 1.78
CA GLY A 59 -11.72 -6.73 1.70
C GLY A 59 -12.55 -6.17 0.58
N GLN A 60 -12.42 -4.85 0.33
CA GLN A 60 -13.19 -4.23 -0.74
C GLN A 60 -12.69 -4.66 -2.11
N ARG A 61 -11.36 -4.77 -2.28
CA ARG A 61 -10.79 -5.26 -3.53
C ARG A 61 -11.22 -6.69 -3.83
N ALA A 62 -11.15 -7.56 -2.83
CA ALA A 62 -11.57 -8.94 -3.01
C ALA A 62 -13.05 -9.02 -3.39
N ALA A 63 -13.90 -8.24 -2.73
CA ALA A 63 -15.31 -8.18 -3.09
C ALA A 63 -15.49 -7.68 -4.52
N TRP A 64 -14.83 -6.57 -4.87
CA TRP A 64 -14.96 -6.02 -6.22
C TRP A 64 -14.57 -7.04 -7.27
N ARG A 65 -13.49 -7.80 -7.03
CA ARG A 65 -13.04 -8.77 -8.02
C ARG A 65 -14.05 -9.90 -8.19
N VAL A 66 -14.66 -10.36 -7.08
CA VAL A 66 -15.68 -11.40 -7.18
C VAL A 66 -16.84 -10.91 -8.04
N LEU A 67 -17.29 -9.67 -7.79
CA LEU A 67 -18.45 -9.15 -8.49
C LEU A 67 -18.11 -8.84 -9.94
N SER A 68 -16.91 -8.31 -10.17
CA SER A 68 -16.45 -8.06 -11.53
C SER A 68 -16.40 -9.34 -12.34
N SER A 69 -15.94 -10.43 -11.73
CA SER A 69 -15.89 -11.70 -12.45
C SER A 69 -17.29 -12.17 -12.82
N ILE A 70 -18.21 -12.11 -11.87
CA ILE A 70 -19.60 -12.45 -12.16
C ILE A 70 -20.14 -11.55 -13.27
N GLU A 71 -19.82 -10.25 -13.19
CA GLU A 71 -20.33 -9.29 -14.17
C GLU A 71 -19.88 -9.66 -15.58
N GLN A 72 -18.61 -10.01 -15.74
CA GLN A 72 -18.09 -10.29 -17.08
C GLN A 72 -18.47 -11.69 -17.56
N LYS A 73 -18.60 -12.66 -16.65
CA LYS A 73 -19.00 -14.00 -17.06
C LYS A 73 -20.44 -14.01 -17.56
N SER A 74 -21.28 -13.10 -17.06
CA SER A 74 -22.61 -12.94 -17.61
C SER A 74 -22.64 -12.07 -18.87
N ASN A 75 -21.52 -12.00 -19.60
CA ASN A 75 -21.45 -11.29 -20.88
C ASN A 75 -20.90 -12.20 -21.98
N GLY A 83 -30.10 -8.36 -16.60
CA GLY A 83 -30.53 -7.55 -15.48
C GLY A 83 -29.41 -6.68 -14.92
N PRO A 84 -29.77 -5.54 -14.31
CA PRO A 84 -28.76 -4.56 -13.90
C PRO A 84 -28.13 -4.82 -12.55
N GLU A 85 -28.59 -5.85 -11.81
CA GLU A 85 -28.26 -6.00 -10.39
C GLU A 85 -26.75 -6.17 -10.14
N VAL A 86 -26.08 -7.03 -10.93
CA VAL A 86 -24.65 -7.25 -10.69
C VAL A 86 -23.86 -5.98 -10.95
N ARG A 87 -24.12 -5.30 -12.06
CA ARG A 87 -23.43 -4.04 -12.32
C ARG A 87 -23.69 -3.01 -11.22
N GLU A 88 -24.95 -2.90 -10.77
CA GLU A 88 -25.30 -1.94 -9.73
C GLU A 88 -24.55 -2.25 -8.44
N TYR A 89 -24.54 -3.53 -8.04
CA TYR A 89 -23.88 -3.88 -6.79
C TYR A 89 -22.36 -3.74 -6.93
N ARG A 90 -21.82 -4.08 -8.10
CA ARG A 90 -20.39 -3.88 -8.33
C ARG A 90 -20.03 -2.40 -8.25
N GLU A 91 -20.86 -1.52 -8.81
CA GLU A 91 -20.62 -0.09 -8.73
C GLU A 91 -20.68 0.40 -7.28
N LYS A 92 -21.55 -0.21 -6.46
CA LYS A 92 -21.68 0.22 -5.06
C LYS A 92 -20.41 -0.09 -4.28
N VAL A 93 -19.89 -1.31 -4.43
CA VAL A 93 -18.62 -1.66 -3.80
C VAL A 93 -17.50 -0.78 -4.34
N GLU A 94 -17.48 -0.58 -5.67
CA GLU A 94 -16.46 0.24 -6.30
C GLU A 94 -16.42 1.65 -5.71
N THR A 95 -17.59 2.27 -5.55
CA THR A 95 -17.65 3.61 -4.99
C THR A 95 -17.13 3.65 -3.57
N GLU A 96 -17.45 2.62 -2.77
CA GLU A 96 -16.95 2.56 -1.40
C GLU A 96 -15.43 2.43 -1.37
N LEU A 97 -14.88 1.63 -2.28
CA LEU A 97 -13.43 1.44 -2.35
C LEU A 97 -12.74 2.74 -2.70
N GLN A 98 -13.25 3.41 -3.74
CA GLN A 98 -12.70 4.70 -4.12
C GLN A 98 -12.77 5.68 -2.97
N GLY A 99 -13.83 5.60 -2.16
CA GLY A 99 -13.98 6.51 -1.03
C GLY A 99 -12.92 6.27 0.03
N VAL A 100 -12.54 5.01 0.24
CA VAL A 100 -11.49 4.73 1.21
C VAL A 100 -10.14 5.17 0.67
N CYS A 101 -9.88 4.92 -0.62
CA CYS A 101 -8.62 5.37 -1.20
C CYS A 101 -8.50 6.89 -1.18
N ASP A 102 -9.62 7.59 -1.43
CA ASP A 102 -9.60 9.05 -1.33
C ASP A 102 -9.29 9.50 0.09
N THR A 103 -9.78 8.76 1.08
CA THR A 103 -9.50 9.12 2.47
C THR A 103 -8.02 8.94 2.79
N VAL A 104 -7.43 7.82 2.39
CA VAL A 104 -6.01 7.62 2.64
C VAL A 104 -5.20 8.70 1.94
N LEU A 105 -5.48 8.93 0.66
CA LEU A 105 -4.71 9.89 -0.12
C LEU A 105 -4.85 11.30 0.45
N GLY A 106 -6.02 11.61 1.01
CA GLY A 106 -6.20 12.91 1.64
C GLY A 106 -5.39 13.05 2.90
N LEU A 107 -5.33 12.00 3.72
CA LEU A 107 -4.48 12.04 4.90
C LEU A 107 -3.01 12.18 4.51
N LEU A 108 -2.61 11.48 3.44
CA LEU A 108 -1.22 11.56 3.01
C LEU A 108 -0.85 12.97 2.58
N ASP A 109 -1.71 13.62 1.78
CA ASP A 109 -1.39 14.95 1.29
C ASP A 109 -1.61 16.03 2.35
N SER A 110 -2.68 15.91 3.13
CA SER A 110 -2.97 16.92 4.13
C SER A 110 -2.05 16.84 5.34
N HIS A 111 -1.55 15.66 5.65
CA HIS A 111 -0.92 15.57 6.96
C HIS A 111 0.43 14.86 6.94
N LEU A 112 0.58 13.79 6.17
CA LEU A 112 1.69 12.87 6.39
C LEU A 112 2.91 13.14 5.52
N ILE A 113 2.73 13.36 4.22
CA ILE A 113 3.88 13.58 3.35
C ILE A 113 4.45 14.96 3.60
N LYS A 114 5.73 15.03 3.94
CA LYS A 114 6.39 16.31 4.11
C LYS A 114 7.76 16.25 3.48
N GLU A 115 8.35 17.42 3.25
CA GLU A 115 9.76 17.48 2.86
C GLU A 115 10.68 17.13 4.01
N ALA A 116 10.23 17.29 5.26
CA ALA A 116 11.02 17.01 6.44
C ALA A 116 10.83 15.54 6.86
N GLY A 117 11.20 15.21 8.10
CA GLY A 117 11.17 13.84 8.55
C GLY A 117 12.30 13.02 7.94
N ASP A 118 12.56 11.87 8.54
CA ASP A 118 13.63 11.05 8.01
C ASP A 118 13.19 10.42 6.69
N ALA A 119 14.14 9.72 6.05
CA ALA A 119 13.88 9.12 4.75
C ALA A 119 12.95 7.93 4.86
N GLU A 120 13.07 7.13 5.94
CA GLU A 120 12.15 6.03 6.19
C GLU A 120 10.69 6.50 6.06
N SER A 121 10.33 7.53 6.84
CA SER A 121 8.94 7.98 6.81
C SER A 121 8.56 8.53 5.44
N ARG A 122 9.44 9.33 4.83
CA ARG A 122 9.11 9.92 3.53
C ARG A 122 8.92 8.84 2.48
N VAL A 123 9.77 7.82 2.47
CA VAL A 123 9.61 6.74 1.50
C VAL A 123 8.32 5.97 1.77
N PHE A 124 8.02 5.71 3.04
CA PHE A 124 6.86 4.88 3.34
C PHE A 124 5.56 5.56 2.89
N TYR A 125 5.46 6.88 3.10
CA TYR A 125 4.23 7.57 2.73
C TYR A 125 4.09 7.68 1.21
N LEU A 126 5.21 7.88 0.50
CA LEU A 126 5.15 7.91 -0.96
C LEU A 126 4.83 6.54 -1.54
N LYS A 127 5.36 5.47 -0.93
CA LYS A 127 4.93 4.12 -1.30
C LYS A 127 3.44 3.93 -1.03
N MET A 128 2.97 4.41 0.13
CA MET A 128 1.54 4.29 0.43
C MET A 128 0.71 5.07 -0.57
N LYS A 129 1.14 6.29 -0.92
CA LYS A 129 0.47 7.05 -1.95
C LYS A 129 0.43 6.30 -3.28
N GLY A 130 1.56 5.71 -3.67
CA GLY A 130 1.57 4.88 -4.88
C GLY A 130 0.61 3.71 -4.81
N ASP A 131 0.56 3.03 -3.66
CA ASP A 131 -0.33 1.88 -3.50
C ASP A 131 -1.80 2.27 -3.70
N TYR A 132 -2.26 3.32 -3.02
CA TYR A 132 -3.68 3.63 -3.06
C TYR A 132 -4.10 4.28 -4.37
N TYR A 133 -3.20 4.95 -5.09
CA TYR A 133 -3.50 5.26 -6.48
C TYR A 133 -3.57 3.99 -7.33
N ARG A 134 -2.70 3.01 -7.05
CA ARG A 134 -2.78 1.73 -7.77
C ARG A 134 -4.11 1.04 -7.51
N TYR A 135 -4.62 1.11 -6.28
CA TYR A 135 -5.92 0.48 -6.00
C TYR A 135 -7.02 1.19 -6.75
N LEU A 136 -6.93 2.53 -6.87
CA LEU A 136 -7.90 3.26 -7.69
C LEU A 136 -7.78 2.86 -9.16
N ALA A 137 -6.56 2.61 -9.62
CA ALA A 137 -6.33 2.27 -11.03
C ALA A 137 -6.87 0.88 -11.37
N GLU A 138 -6.92 -0.03 -10.40
CA GLU A 138 -7.52 -1.33 -10.65
C GLU A 138 -8.98 -1.22 -11.06
N VAL A 139 -9.69 -0.15 -10.68
CA VAL A 139 -11.11 -0.03 -10.99
C VAL A 139 -11.42 1.17 -11.90
N ALA A 140 -10.40 1.81 -12.48
CA ALA A 140 -10.65 2.97 -13.32
C ALA A 140 -10.76 2.56 -14.79
N THR A 141 -11.27 3.50 -15.60
CA THR A 141 -11.55 3.23 -17.02
C THR A 141 -10.98 4.29 -17.99
N GLY A 142 -11.45 5.54 -17.90
CA GLY A 142 -11.17 6.51 -18.96
C GLY A 142 -10.21 7.63 -18.63
N ASP A 143 -10.64 8.88 -18.85
CA ASP A 143 -9.77 10.04 -18.57
C ASP A 143 -9.32 10.06 -17.12
N ASP A 144 -10.00 9.34 -16.23
CA ASP A 144 -9.47 9.14 -14.88
C ASP A 144 -8.31 8.13 -14.89
N LYS A 145 -8.43 7.06 -15.67
CA LYS A 145 -7.52 5.93 -15.56
C LYS A 145 -6.10 6.31 -16.00
N LYS A 146 -5.97 7.04 -17.10
CA LYS A 146 -4.65 7.46 -17.57
C LYS A 146 -3.95 8.29 -16.50
N ARG A 147 -4.68 9.25 -15.91
CA ARG A 147 -4.06 10.16 -14.95
C ARG A 147 -3.83 9.50 -13.60
N ILE A 148 -4.64 8.50 -13.23
CA ILE A 148 -4.40 7.78 -11.98
C ILE A 148 -3.11 6.98 -12.07
N ILE A 149 -2.87 6.31 -13.21
CA ILE A 149 -1.67 5.51 -13.39
C ILE A 149 -0.42 6.37 -13.31
N ASP A 150 -0.47 7.59 -13.86
CA ASP A 150 0.67 8.48 -13.79
C ASP A 150 0.92 8.92 -12.35
N SER A 151 -0.15 9.26 -11.62
CA SER A 151 0.01 9.63 -10.22
C SER A 151 0.62 8.49 -9.41
N ALA A 152 0.22 7.24 -9.69
CA ALA A 152 0.84 6.10 -9.02
C ALA A 152 2.32 6.00 -9.38
N ARG A 153 2.62 5.95 -10.68
CA ARG A 153 4.01 5.82 -11.11
C ARG A 153 4.87 6.96 -10.56
N SER A 154 4.34 8.18 -10.58
CA SER A 154 5.08 9.33 -10.06
C SER A 154 5.44 9.15 -8.59
N ALA A 155 4.47 8.73 -7.77
CA ALA A 155 4.70 8.59 -6.33
C ALA A 155 5.69 7.47 -6.05
N TYR A 156 5.55 6.33 -6.75
CA TYR A 156 6.49 5.23 -6.60
C TYR A 156 7.91 5.66 -6.99
N GLN A 157 8.04 6.38 -8.10
CA GLN A 157 9.37 6.74 -8.59
C GLN A 157 10.07 7.67 -7.61
N GLU A 158 9.37 8.66 -7.07
CA GLU A 158 10.02 9.51 -6.09
C GLU A 158 10.45 8.70 -4.87
N ALA A 159 9.60 7.75 -4.45
CA ALA A 159 9.95 6.88 -3.33
C ALA A 159 11.19 6.05 -3.67
N MET A 160 11.28 5.56 -4.90
CA MET A 160 12.42 4.74 -5.30
C MET A 160 13.71 5.54 -5.27
N ASP A 161 13.68 6.77 -5.80
CA ASP A 161 14.87 7.61 -5.83
C ASP A 161 15.42 7.84 -4.42
N ILE A 162 14.54 8.24 -3.50
CA ILE A 162 14.95 8.46 -2.10
C ILE A 162 15.50 7.18 -1.49
N SER A 163 14.81 6.04 -1.71
CA SER A 163 15.19 4.82 -1.03
C SER A 163 16.57 4.32 -1.46
N LYS A 164 16.89 4.41 -2.76
CA LYS A 164 18.21 4.02 -3.22
C LYS A 164 19.31 4.93 -2.66
N LYS A 165 19.00 6.20 -2.45
CA LYS A 165 20.00 7.12 -1.91
C LYS A 165 20.15 7.01 -0.40
N GLU A 166 19.06 6.71 0.33
CA GLU A 166 19.12 6.80 1.79
C GLU A 166 18.99 5.48 2.54
N MET A 167 18.68 4.38 1.88
CA MET A 167 18.46 3.18 2.66
C MET A 167 19.25 2.01 2.11
N PRO A 168 19.66 1.09 2.98
CA PRO A 168 20.36 -0.10 2.50
C PRO A 168 19.44 -0.93 1.63
N PRO A 169 20.01 -1.77 0.78
CA PRO A 169 19.18 -2.57 -0.14
C PRO A 169 18.36 -3.67 0.54
N THR A 170 18.55 -3.95 1.83
CA THR A 170 17.69 -4.91 2.53
C THR A 170 16.60 -4.24 3.36
N ASN A 171 16.58 -2.91 3.40
CA ASN A 171 15.59 -2.21 4.23
C ASN A 171 14.17 -2.62 3.83
N PRO A 172 13.31 -2.97 4.79
CA PRO A 172 11.98 -3.52 4.42
C PRO A 172 11.07 -2.54 3.68
N ILE A 173 11.12 -1.25 4.02
CA ILE A 173 10.36 -0.26 3.24
C ILE A 173 10.88 -0.22 1.81
N ARG A 174 12.21 -0.19 1.66
CA ARG A 174 12.80 -0.23 0.32
C ARG A 174 12.35 -1.44 -0.45
N LEU A 175 12.46 -2.62 0.16
CA LEU A 175 12.06 -3.86 -0.49
C LEU A 175 10.55 -3.86 -0.80
N GLY A 176 9.73 -3.51 0.20
CA GLY A 176 8.29 -3.55 0.00
C GLY A 176 7.84 -2.59 -1.08
N LEU A 177 8.44 -1.39 -1.08
CA LEU A 177 8.19 -0.43 -2.15
C LEU A 177 8.55 -1.03 -3.50
N ALA A 178 9.76 -1.60 -3.64
CA ALA A 178 10.18 -2.15 -4.92
C ALA A 178 9.29 -3.31 -5.35
N LEU A 179 8.92 -4.18 -4.40
CA LEU A 179 7.94 -5.22 -4.71
C LEU A 179 6.64 -4.61 -5.23
N ASN A 180 6.12 -3.56 -4.59
CA ASN A 180 4.84 -3.03 -5.04
C ASN A 180 4.95 -2.24 -6.35
N PHE A 181 6.06 -1.52 -6.56
CA PHE A 181 6.27 -0.87 -7.86
C PHE A 181 6.29 -1.89 -8.98
N SER A 182 6.88 -3.06 -8.74
CA SER A 182 6.98 -4.04 -9.81
C SER A 182 5.63 -4.67 -10.12
N VAL A 183 4.81 -4.91 -9.09
CA VAL A 183 3.44 -5.37 -9.31
C VAL A 183 2.67 -4.32 -10.10
N PHE A 184 2.89 -3.04 -9.80
CA PHE A 184 2.35 -1.97 -10.63
C PHE A 184 2.75 -2.14 -12.09
N HIS A 185 4.04 -2.38 -12.34
CA HIS A 185 4.50 -2.53 -13.73
C HIS A 185 3.79 -3.68 -14.42
N TYR A 186 3.69 -4.83 -13.74
CA TYR A 186 3.17 -6.02 -14.39
C TYR A 186 1.65 -5.95 -14.57
N GLU A 187 0.93 -5.43 -13.57
CA GLU A 187 -0.53 -5.52 -13.53
C GLU A 187 -1.24 -4.26 -14.01
N ILE A 188 -0.72 -3.07 -13.72
CA ILE A 188 -1.39 -1.83 -14.08
C ILE A 188 -0.81 -1.22 -15.34
N ALA A 189 0.53 -1.22 -15.47
CA ALA A 189 1.19 -0.58 -16.61
C ALA A 189 1.41 -1.54 -17.76
N ASN A 190 1.11 -2.82 -17.58
CA ASN A 190 1.40 -3.84 -18.57
C ASN A 190 2.80 -3.67 -19.15
N SER A 191 3.81 -3.86 -18.30
CA SER A 191 5.21 -3.80 -18.72
C SER A 191 5.94 -4.92 -18.02
N PRO A 192 5.66 -6.17 -18.42
CA PRO A 192 6.23 -7.32 -17.70
C PRO A 192 7.74 -7.29 -17.63
N GLU A 193 8.40 -6.77 -18.67
CA GLU A 193 9.85 -6.66 -18.68
C GLU A 193 10.34 -5.65 -17.65
N GLU A 194 9.68 -4.49 -17.57
CA GLU A 194 10.03 -3.49 -16.58
C GLU A 194 9.79 -4.01 -15.16
N ALA A 195 8.76 -4.84 -15.00
CA ALA A 195 8.50 -5.47 -13.71
C ALA A 195 9.58 -6.47 -13.36
N ILE A 196 9.87 -7.39 -14.30
CA ILE A 196 10.86 -8.43 -14.06
C ILE A 196 12.24 -7.82 -13.83
N SER A 197 12.57 -6.78 -14.57
CA SER A 197 13.85 -6.12 -14.37
C SER A 197 13.95 -5.51 -12.97
N LEU A 198 12.87 -4.88 -12.49
CA LEU A 198 12.91 -4.27 -11.16
C LEU A 198 12.96 -5.33 -10.08
N ALA A 199 12.15 -6.37 -10.19
CA ALA A 199 12.12 -7.42 -9.18
C ALA A 199 13.45 -8.15 -9.12
N LYS A 200 14.01 -8.52 -10.27
CA LYS A 200 15.27 -9.25 -10.29
C LYS A 200 16.40 -8.40 -9.72
N THR A 201 16.47 -7.14 -10.12
CA THR A 201 17.50 -6.26 -9.61
C THR A 201 17.37 -6.09 -8.10
N THR A 202 16.15 -5.88 -7.63
CA THR A 202 15.91 -5.67 -6.20
C THR A 202 16.34 -6.88 -5.37
N PHE A 203 15.96 -8.08 -5.81
CA PHE A 203 16.35 -9.28 -5.07
C PHE A 203 17.86 -9.45 -5.11
N ASP A 204 18.47 -9.29 -6.28
CA ASP A 204 19.91 -9.53 -6.41
C ASP A 204 20.73 -8.53 -5.59
N GLU A 205 20.32 -7.26 -5.59
CA GLU A 205 21.03 -6.29 -4.78
C GLU A 205 20.84 -6.55 -3.28
N ALA A 206 19.67 -7.02 -2.86
CA ALA A 206 19.48 -7.41 -1.46
C ALA A 206 20.43 -8.53 -1.08
N MET A 207 20.51 -9.57 -1.93
CA MET A 207 21.44 -10.68 -1.70
C MET A 207 22.89 -10.19 -1.64
N ALA A 208 23.27 -9.39 -2.62
CA ALA A 208 24.64 -8.87 -2.66
C ALA A 208 24.98 -8.12 -1.38
N ASP A 209 24.03 -7.37 -0.82
CA ASP A 209 24.32 -6.69 0.44
C ASP A 209 23.52 -7.30 1.58
N LEU A 210 23.52 -8.64 1.65
CA LEU A 210 22.74 -9.34 2.67
C LEU A 210 23.17 -8.96 4.08
N HIS A 211 24.46 -8.62 4.25
CA HIS A 211 24.96 -8.20 5.55
C HIS A 211 24.27 -6.95 6.11
N THR A 212 23.48 -6.22 5.32
CA THR A 212 22.84 -5.00 5.85
C THR A 212 21.52 -5.30 6.58
N LEU A 213 21.11 -6.56 6.70
CA LEU A 213 19.90 -6.90 7.44
C LEU A 213 19.95 -6.33 8.85
N SER A 214 18.82 -5.79 9.30
CA SER A 214 18.74 -5.19 10.64
C SER A 214 18.18 -6.20 11.64
N GLU A 215 18.77 -6.21 12.83
CA GLU A 215 18.29 -7.07 13.91
C GLU A 215 16.80 -6.92 14.15
N ASP A 216 16.27 -5.71 14.05
CA ASP A 216 14.85 -5.54 14.40
C ASP A 216 13.89 -5.70 13.22
N SER A 217 14.38 -5.92 12.00
CA SER A 217 13.44 -6.12 10.90
C SER A 217 13.85 -7.20 9.90
N TYR A 218 14.82 -8.06 10.22
CA TYR A 218 15.34 -8.98 9.20
C TYR A 218 14.26 -10.00 8.75
N LYS A 219 13.34 -10.37 9.65
CA LYS A 219 12.26 -11.27 9.23
C LYS A 219 11.39 -10.62 8.16
N ASP A 220 11.14 -9.30 8.28
CA ASP A 220 10.36 -8.61 7.26
C ASP A 220 11.12 -8.57 5.95
N SER A 221 12.42 -8.27 6.03
CA SER A 221 13.24 -8.22 4.82
C SER A 221 13.21 -9.56 4.08
N THR A 222 13.51 -10.65 4.77
CA THR A 222 13.61 -11.92 4.05
C THR A 222 12.25 -12.37 3.51
N LEU A 223 11.16 -11.98 4.19
CA LEU A 223 9.83 -12.27 3.64
C LEU A 223 9.66 -11.61 2.29
N ILE A 224 9.99 -10.31 2.18
CA ILE A 224 9.81 -9.62 0.91
C ILE A 224 10.71 -10.21 -0.16
N MET A 225 11.95 -10.57 0.20
CA MET A 225 12.85 -11.14 -0.80
C MET A 225 12.26 -12.41 -1.39
N GLN A 226 11.69 -13.26 -0.54
CA GLN A 226 10.98 -14.45 -1.02
C GLN A 226 9.80 -14.08 -1.91
N LEU A 227 9.02 -13.07 -1.51
CA LEU A 227 7.89 -12.66 -2.35
C LEU A 227 8.37 -12.15 -3.70
N LEU A 228 9.52 -11.44 -3.73
CA LEU A 228 10.13 -11.10 -5.01
C LEU A 228 10.44 -12.35 -5.83
N ARG A 229 11.00 -13.39 -5.20
CA ARG A 229 11.30 -14.63 -5.93
C ARG A 229 10.03 -15.30 -6.45
N ASP A 230 8.97 -15.29 -5.64
CA ASP A 230 7.70 -15.90 -6.07
C ASP A 230 7.17 -15.20 -7.31
N ASN A 231 7.21 -13.86 -7.34
CA ASN A 231 6.72 -13.11 -8.49
C ASN A 231 7.56 -13.40 -9.74
N LEU A 232 8.88 -13.53 -9.58
CA LEU A 232 9.71 -13.85 -10.73
C LEU A 232 9.38 -15.23 -11.29
N THR A 233 9.14 -16.22 -10.41
CA THR A 233 8.74 -17.55 -10.85
C THR A 233 7.38 -17.51 -11.58
N LEU A 234 6.42 -16.76 -11.04
CA LEU A 234 5.17 -16.55 -11.76
C LEU A 234 5.43 -15.96 -13.14
N TRP A 235 6.26 -14.92 -13.22
CA TRP A 235 6.46 -14.17 -14.45
C TRP A 235 7.47 -14.80 -15.39
N THR A 236 8.07 -15.94 -15.02
CA THR A 236 8.97 -16.65 -15.94
C THR A 236 8.50 -18.10 -16.12
N GLN B 1 -3.81 -17.22 -10.33
CA GLN B 1 -2.59 -16.78 -9.64
C GLN B 1 -2.28 -15.34 -9.99
N ARG B 2 -2.41 -14.48 -8.99
CA ARG B 2 -2.15 -13.05 -9.13
C ARG B 2 -0.80 -12.70 -8.51
N SER B 3 -0.27 -11.53 -8.92
CA SER B 3 1.00 -11.07 -8.37
C SER B 3 0.85 -10.79 -6.89
N THR B 4 1.90 -11.08 -6.13
CA THR B 4 1.90 -10.82 -4.70
C THR B 4 2.53 -9.46 -4.37
N SEP B 5 1.79 -8.60 -3.69
CA SEP B 5 2.32 -7.32 -3.22
CB SEP B 5 1.30 -6.18 -3.42
OG SEP B 5 0.10 -6.51 -2.73
C SEP B 5 2.69 -7.46 -1.75
O SEP B 5 2.56 -8.53 -1.17
P SEP B 5 -1.14 -5.49 -2.88
O1P SEP B 5 -0.71 -4.01 -2.41
O2P SEP B 5 -1.64 -5.48 -4.40
O3P SEP B 5 -2.24 -6.06 -1.86
N THR B 6 3.14 -6.36 -1.15
CA THR B 6 3.51 -6.37 0.27
C THR B 6 2.34 -6.79 1.16
N PRO B 7 2.58 -7.73 2.07
CA PRO B 7 1.54 -8.19 3.00
C PRO B 7 1.47 -7.35 4.27
N ASN B 8 0.47 -7.64 5.09
CA ASN B 8 0.37 -7.06 6.43
C ASN B 8 1.14 -7.90 7.45
N VAL B 9 1.87 -7.22 8.32
CA VAL B 9 2.70 -7.87 9.34
C VAL B 9 2.64 -7.04 10.61
N HIS B 10 2.63 -7.72 11.77
CA HIS B 10 2.96 -7.06 13.04
C HIS B 10 1.93 -6.00 13.48
CL CL C . -26.75 -2.01 -5.01
CL CL D . 16.68 12.07 -1.03
MG MG E . -4.40 14.81 21.62
MG MG F . -19.03 2.00 -12.63
MG MG G . -26.50 -15.03 -21.80
C1 WPN H . 8.05 2.29 9.86
C2 WPN H . 9.00 1.71 10.91
C3 WPN H . 6.46 0.39 9.72
C4 WPN H . 6.10 0.15 8.25
C5 WPN H . 7.36 -0.04 7.41
C6 WPN H . 7.19 -1.14 6.39
C10 WPN H . 6.54 -6.10 5.21
C11 WPN H . 5.30 -5.56 5.51
C14 WPN H . 5.10 -0.96 8.03
C12 WPN H . 5.08 -4.22 5.22
C13 WPN H . 4.70 -1.03 6.58
C7 WPN H . 6.06 -3.47 4.62
C8 WPN H . 7.29 -4.01 4.35
C9 WPN H . 7.54 -5.34 4.64
N1 WPN H . 6.87 1.76 9.54
N2 WPN H . 5.89 -0.99 5.69
O1 WPN H . 8.37 3.36 9.39
O2 WPN H . 4.37 -1.64 3.88
O3 WPN H . 6.78 -1.28 3.42
S1 WPN H . 5.74 -1.77 4.28
BR1 WPN H . 6.84 -7.93 5.61
MG MG I . -9.91 18.29 17.81
#